data_1K6G
#
_entry.id   1K6G
#
_entity_poly.entity_id   1
_entity_poly.type   'polyribonucleotide'
_entity_poly.pdbx_seq_one_letter_code
;GGCGUCAUGAGUCCAUGGCGCC
;
_entity_poly.pdbx_strand_id   A
#